data_1SHL
#
_entry.id   1SHL
#
_cell.length_a   90.220
_cell.length_b   90.220
_cell.length_c   186.621
_cell.angle_alpha   90.00
_cell.angle_beta   90.00
_cell.angle_gamma   120.00
#
_symmetry.space_group_name_H-M   'P 32 2 1'
#
loop_
_entity.id
_entity.type
_entity.pdbx_description
1 polymer Caspase-7
2 non-polymer '5-FLUORO-1H-INDOLE-2-CARBOXYLIC ACID-(2-MERCAPTO-ETHYL)-AMIDE'
#
_entity_poly.entity_id   1
_entity_poly.type   'polypeptide(L)'
_entity_poly.pdbx_seq_one_letter_code
;TYQYNMNFEKLGKCIIINNKNFDKVTGMGVRNGTDKDAEALFKCFRSLGFDVIVYNDCSCAKMQDLLKKASEEDHTNAAC
FACILLSHGEENVIYGKDGVTPIKDLTAHFRGDRCKTLLEKPKLFFIQACRGTELADGIQADSRYKIPVEADFLFAYSTV
PGYYSWRSPGRGSWFVQALCSILEEHGKDLEIMQILTRVNDRVARHFESQSDDPHFHEKKQIPCVVSMLTKELYFSQQLH
HHHHH
;
_entity_poly.pdbx_strand_id   A,B
#
# COMPACT_ATOMS: atom_id res chain seq x y z
N THR A 1 21.41 -7.84 -2.34
CA THR A 1 20.86 -6.55 -1.83
C THR A 1 19.50 -6.24 -2.43
N TYR A 2 18.90 -7.23 -3.10
CA TYR A 2 17.52 -7.07 -3.55
C TYR A 2 16.55 -7.43 -2.43
N GLN A 3 17.07 -8.11 -1.40
CA GLN A 3 16.29 -8.46 -0.21
C GLN A 3 16.90 -7.87 1.07
N TYR A 4 16.05 -7.51 2.02
CA TYR A 4 16.50 -7.05 3.33
C TYR A 4 17.39 -8.12 3.93
N ASN A 5 18.49 -7.67 4.50
CA ASN A 5 19.46 -8.57 5.10
C ASN A 5 18.95 -9.12 6.44
N MET A 6 18.70 -10.43 6.47
CA MET A 6 18.11 -11.08 7.64
C MET A 6 19.13 -11.73 8.58
N ASN A 7 20.41 -11.50 8.31
CA ASN A 7 21.51 -12.13 9.02
C ASN A 7 21.83 -11.46 10.35
N PHE A 8 20.97 -11.68 11.34
CA PHE A 8 21.13 -11.06 12.65
C PHE A 8 20.86 -12.11 13.72
N GLU A 9 21.18 -11.79 14.98
CA GLU A 9 20.98 -12.73 16.08
C GLU A 9 19.51 -13.12 16.24
N LYS A 10 18.62 -12.14 16.27
CA LYS A 10 17.18 -12.38 16.36
C LYS A 10 16.45 -11.77 15.15
N LEU A 11 15.23 -12.25 14.90
CA LEU A 11 14.35 -11.60 13.92
C LEU A 11 14.00 -10.20 14.40
N GLY A 12 13.61 -10.09 15.67
CA GLY A 12 13.24 -8.83 16.28
C GLY A 12 12.08 -8.95 17.26
N LYS A 13 11.65 -7.81 17.79
CA LYS A 13 10.53 -7.74 18.71
C LYS A 13 9.19 -7.73 17.96
N CYS A 14 8.16 -8.29 18.59
CA CYS A 14 6.80 -8.24 18.07
C CYS A 14 5.87 -7.97 19.22
N ILE A 15 5.41 -6.72 19.33
CA ILE A 15 4.47 -6.35 20.37
C ILE A 15 3.06 -6.66 19.89
N ILE A 16 2.24 -7.22 20.76
CA ILE A 16 0.82 -7.41 20.45
C ILE A 16 -0.05 -6.62 21.44
N ILE A 17 -0.75 -5.59 20.94
CA ILE A 17 -1.76 -4.89 21.74
C ILE A 17 -3.13 -5.53 21.49
N ASN A 18 -3.72 -6.09 22.54
CA ASN A 18 -4.95 -6.86 22.42
C ASN A 18 -6.08 -6.26 23.23
N ASN A 19 -6.64 -5.16 22.72
CA ASN A 19 -7.73 -4.43 23.40
C ASN A 19 -9.13 -5.05 23.20
N LYS A 20 -9.67 -5.60 24.28
CA LYS A 20 -10.93 -6.34 24.27
C LYS A 20 -12.06 -5.60 24.98
N ASN A 21 -11.74 -5.11 26.18
CA ASN A 21 -12.71 -4.44 27.03
C ASN A 21 -12.40 -2.96 27.06
N PHE A 22 -13.45 -2.15 26.96
CA PHE A 22 -13.29 -0.71 26.84
C PHE A 22 -14.04 0.06 27.91
N ASP A 23 -13.43 1.17 28.33
CA ASP A 23 -13.98 2.02 29.36
C ASP A 23 -15.33 2.57 28.94
N LYS A 24 -16.35 2.18 29.70
CA LYS A 24 -17.74 2.72 29.64
C LYS A 24 -17.95 4.02 28.85
N VAL A 25 -17.16 5.05 29.19
CA VAL A 25 -17.23 6.40 28.63
C VAL A 25 -16.90 6.52 27.12
N THR A 26 -16.85 5.39 26.41
CA THR A 26 -16.59 5.37 24.97
C THR A 26 -17.67 4.56 24.28
N GLY A 27 -18.54 3.93 25.07
CA GLY A 27 -19.64 3.11 24.56
C GLY A 27 -19.18 2.16 23.48
N MET A 28 -18.14 1.39 23.79
CA MET A 28 -17.56 0.42 22.86
C MET A 28 -17.69 -1.02 23.40
N GLY A 29 -18.27 -1.90 22.58
CA GLY A 29 -18.59 -3.26 23.00
C GLY A 29 -17.41 -4.20 23.14
N VAL A 30 -17.63 -5.27 23.90
CA VAL A 30 -16.69 -6.38 24.02
C VAL A 30 -16.35 -6.89 22.62
N ARG A 31 -15.06 -6.99 22.34
CA ARG A 31 -14.58 -7.55 21.07
C ARG A 31 -14.37 -9.04 21.25
N ASN A 32 -15.47 -9.79 21.33
CA ASN A 32 -15.39 -11.25 21.48
C ASN A 32 -14.57 -11.87 20.36
N GLY A 33 -13.73 -12.85 20.69
CA GLY A 33 -12.93 -13.53 19.69
C GLY A 33 -11.56 -12.93 19.45
N THR A 34 -11.35 -11.70 19.91
CA THR A 34 -10.04 -11.07 19.83
C THR A 34 -8.97 -11.86 20.59
N ASP A 35 -9.41 -12.72 21.51
CA ASP A 35 -8.49 -13.56 22.26
C ASP A 35 -8.04 -14.77 21.45
N LYS A 36 -8.97 -15.40 20.73
CA LYS A 36 -8.61 -16.41 19.72
C LYS A 36 -7.69 -15.80 18.65
N ASP A 37 -7.93 -14.54 18.30
CA ASP A 37 -7.08 -13.81 17.37
C ASP A 37 -5.67 -13.65 17.91
N ALA A 38 -5.54 -13.02 19.07
CA ALA A 38 -4.25 -12.75 19.69
C ALA A 38 -3.45 -14.01 19.98
N GLU A 39 -4.12 -15.10 20.38
CA GLU A 39 -3.41 -16.36 20.58
C GLU A 39 -2.90 -16.95 19.27
N ALA A 40 -3.74 -16.90 18.23
CA ALA A 40 -3.35 -17.36 16.90
C ALA A 40 -2.12 -16.60 16.41
N LEU A 41 -2.16 -15.27 16.55
CA LEU A 41 -1.07 -14.39 16.15
C LEU A 41 0.22 -14.64 16.94
N PHE A 42 0.07 -14.84 18.25
CA PHE A 42 1.22 -15.12 19.12
C PHE A 42 1.98 -16.37 18.68
N LYS A 43 1.27 -17.48 18.52
CA LYS A 43 1.88 -18.75 18.13
C LYS A 43 2.55 -18.65 16.76
N CYS A 44 1.86 -17.98 15.84
CA CYS A 44 2.31 -17.82 14.46
C CYS A 44 3.59 -17.00 14.36
N PHE A 45 3.58 -15.83 14.98
CA PHE A 45 4.71 -14.91 14.92
C PHE A 45 5.91 -15.43 15.72
N ARG A 46 5.61 -16.17 16.79
CA ARG A 46 6.63 -16.78 17.62
C ARG A 46 7.34 -17.86 16.81
N SER A 47 6.56 -18.58 16.03
CA SER A 47 7.06 -19.60 15.12
C SER A 47 7.87 -19.01 13.95
N LEU A 48 7.53 -17.80 13.52
CA LEU A 48 8.34 -17.11 12.53
C LEU A 48 9.71 -16.81 13.13
N GLY A 49 9.74 -16.56 14.43
CA GLY A 49 10.97 -16.30 15.17
C GLY A 49 11.02 -14.99 15.94
N PHE A 50 9.89 -14.32 16.10
CA PHE A 50 9.84 -13.03 16.80
C PHE A 50 9.83 -13.25 18.30
N ASP A 51 10.38 -12.30 19.04
CA ASP A 51 10.24 -12.27 20.49
C ASP A 51 8.93 -11.54 20.81
N VAL A 52 7.87 -12.33 20.98
CA VAL A 52 6.53 -11.78 21.08
C VAL A 52 6.14 -11.52 22.53
N ILE A 53 5.53 -10.36 22.76
CA ILE A 53 4.91 -10.04 24.04
C ILE A 53 3.50 -9.52 23.80
N VAL A 54 2.54 -10.02 24.57
CA VAL A 54 1.15 -9.61 24.44
C VAL A 54 0.73 -8.74 25.61
N TYR A 55 0.11 -7.61 25.29
CA TYR A 55 -0.44 -6.70 26.28
C TYR A 55 -1.96 -6.57 26.07
N ASN A 56 -2.74 -6.69 27.15
CA ASN A 56 -4.19 -6.71 27.07
C ASN A 56 -4.85 -5.45 27.64
N ASP A 57 -5.96 -5.04 27.01
CA ASP A 57 -6.72 -3.83 27.40
C ASP A 57 -5.83 -2.65 27.79
N CYS A 58 -4.86 -2.33 26.93
CA CYS A 58 -3.97 -1.20 27.15
C CYS A 58 -4.76 0.08 27.03
N SER A 59 -4.46 1.04 27.91
CA SER A 59 -4.95 2.42 27.80
C SER A 59 -4.15 3.16 26.73
N CYS A 60 -4.64 4.32 26.33
CA CYS A 60 -4.04 5.13 25.26
C CYS A 60 -2.58 5.46 25.55
N ALA A 61 -2.30 5.84 26.79
CA ALA A 61 -0.92 6.12 27.21
C ALA A 61 -0.05 4.85 27.25
N LYS A 62 -0.62 3.72 27.70
CA LYS A 62 0.11 2.44 27.67
C LYS A 62 0.59 2.13 26.26
N MET A 63 -0.30 2.30 25.28
CA MET A 63 0.02 2.07 23.87
C MET A 63 1.15 2.98 23.42
N GLN A 64 1.07 4.24 23.83
CA GLN A 64 2.10 5.22 23.49
C GLN A 64 3.46 4.90 24.12
N ASP A 65 3.45 4.58 25.43
CA ASP A 65 4.68 4.26 26.15
C ASP A 65 5.30 2.95 25.65
N LEU A 66 4.46 1.92 25.50
CA LEU A 66 4.89 0.65 24.92
C LEU A 66 5.75 0.88 23.68
N LEU A 67 5.21 1.60 22.72
CA LEU A 67 5.89 1.84 21.46
C LEU A 67 7.04 2.82 21.54
N LYS A 68 6.98 3.80 22.45
CA LYS A 68 8.09 4.74 22.64
C LYS A 68 9.28 4.02 23.28
N LYS A 69 9.03 3.31 24.39
CA LYS A 69 10.04 2.50 25.06
C LYS A 69 10.62 1.47 24.08
N ALA A 70 9.73 0.83 23.33
CA ALA A 70 10.11 -0.12 22.29
C ALA A 70 11.15 0.47 21.34
N SER A 71 10.86 1.65 20.81
CA SER A 71 11.77 2.36 19.91
C SER A 71 13.05 2.78 20.61
N GLU A 72 12.97 3.04 21.92
CA GLU A 72 14.14 3.46 22.69
C GLU A 72 15.12 2.30 22.97
N GLU A 73 14.64 1.05 22.90
CA GLU A 73 15.48 -0.14 23.06
C GLU A 73 16.60 -0.21 22.00
N ASP A 74 17.59 -1.08 22.20
CA ASP A 74 18.66 -1.25 21.22
C ASP A 74 18.35 -2.37 20.24
N HIS A 75 18.23 -2.03 18.95
CA HIS A 75 17.85 -3.01 17.95
C HIS A 75 19.00 -3.41 17.01
N THR A 76 20.24 -3.23 17.49
CA THR A 76 21.44 -3.54 16.68
C THR A 76 21.50 -4.99 16.21
N ASN A 77 21.02 -5.91 17.04
CA ASN A 77 21.10 -7.33 16.72
C ASN A 77 19.85 -7.95 16.07
N ALA A 78 18.84 -7.13 15.79
CA ALA A 78 17.58 -7.60 15.23
C ALA A 78 17.46 -7.30 13.73
N ALA A 79 16.77 -8.19 13.00
CA ALA A 79 16.55 -8.01 11.56
C ALA A 79 15.48 -6.98 11.28
N CYS A 80 14.50 -6.87 12.17
CA CYS A 80 13.33 -6.04 11.93
C CYS A 80 12.50 -5.86 13.20
N PHE A 81 11.38 -5.15 13.07
CA PHE A 81 10.46 -4.93 14.17
C PHE A 81 9.00 -5.05 13.66
N ALA A 82 8.10 -5.50 14.52
CA ALA A 82 6.73 -5.70 14.12
C ALA A 82 5.79 -5.41 15.28
N CYS A 83 4.78 -4.58 15.00
CA CYS A 83 3.70 -4.30 15.95
C CYS A 83 2.38 -4.78 15.36
N ILE A 84 1.59 -5.48 16.17
CA ILE A 84 0.26 -5.93 15.80
C ILE A 84 -0.78 -5.23 16.69
N LEU A 85 -1.80 -4.63 16.07
CA LEU A 85 -2.84 -3.92 16.81
C LEU A 85 -4.22 -4.54 16.64
N LEU A 86 -4.82 -4.98 17.74
CA LEU A 86 -6.17 -5.53 17.73
C LEU A 86 -7.09 -4.71 18.62
N SER A 87 -7.97 -3.95 17.99
CA SER A 87 -8.79 -2.96 18.70
C SER A 87 -10.05 -2.54 17.92
N HIS A 88 -10.67 -1.45 18.38
CA HIS A 88 -11.70 -0.74 17.62
C HIS A 88 -10.98 0.34 16.84
N GLY A 89 -11.46 0.61 15.63
CA GLY A 89 -10.82 1.61 14.77
C GLY A 89 -11.81 2.50 14.06
N GLU A 90 -11.46 3.78 13.92
CA GLU A 90 -12.31 4.73 13.20
C GLU A 90 -11.71 5.19 11.86
N GLU A 91 -10.93 6.27 11.83
CA GLU A 91 -10.48 6.79 10.53
C GLU A 91 -8.96 6.77 10.33
N ASN A 92 -8.21 7.14 11.36
CA ASN A 92 -6.76 7.20 11.31
C ASN A 92 -6.27 7.06 12.73
N VAL A 93 -7.04 6.28 13.49
CA VAL A 93 -7.03 6.31 14.93
C VAL A 93 -7.43 4.94 15.50
N ILE A 94 -6.69 4.50 16.52
CA ILE A 94 -7.01 3.30 17.27
C ILE A 94 -7.66 3.66 18.61
N TYR A 95 -8.32 2.68 19.21
CA TYR A 95 -8.89 2.82 20.54
C TYR A 95 -8.00 2.17 21.61
N GLY A 96 -7.83 2.87 22.72
CA GLY A 96 -7.33 2.25 23.93
C GLY A 96 -8.51 1.80 24.77
N LYS A 97 -8.22 1.26 25.96
CA LYS A 97 -9.20 1.11 27.03
C LYS A 97 -9.92 2.45 27.17
N ASP A 98 -9.14 3.47 27.54
CA ASP A 98 -9.64 4.78 27.99
C ASP A 98 -9.84 5.83 26.88
N GLY A 99 -10.22 5.39 25.68
CA GLY A 99 -10.45 6.32 24.59
C GLY A 99 -9.68 6.05 23.31
N VAL A 100 -9.41 7.13 22.55
CA VAL A 100 -8.80 6.99 21.23
C VAL A 100 -7.45 7.68 21.06
N THR A 101 -6.63 7.12 20.18
CA THR A 101 -5.24 7.52 19.95
C THR A 101 -4.95 7.35 18.45
N PRO A 102 -4.28 8.32 17.83
CA PRO A 102 -4.04 8.28 16.39
C PRO A 102 -2.90 7.34 15.97
N ILE A 103 -3.14 6.57 14.90
CA ILE A 103 -2.20 5.56 14.39
C ILE A 103 -0.79 6.11 14.27
N LYS A 104 -0.68 7.26 13.63
CA LYS A 104 0.61 7.86 13.31
C LYS A 104 1.47 8.13 14.55
N ASP A 105 0.84 8.60 15.63
CA ASP A 105 1.58 8.87 16.85
C ASP A 105 2.31 7.62 17.38
N LEU A 106 1.72 6.44 17.16
CA LEU A 106 2.33 5.16 17.53
C LEU A 106 3.60 4.82 16.73
N THR A 107 3.62 5.20 15.45
CA THR A 107 4.74 4.89 14.56
C THR A 107 5.81 6.00 14.55
N ALA A 108 5.43 7.18 15.03
CA ALA A 108 6.30 8.35 15.09
C ALA A 108 7.63 8.09 15.80
N HIS A 109 7.60 7.22 16.81
CA HIS A 109 8.77 6.91 17.63
C HIS A 109 9.81 6.09 16.85
N PHE A 110 9.37 5.51 15.74
CA PHE A 110 10.17 4.57 14.96
C PHE A 110 10.70 5.18 13.68
N ARG A 111 10.58 6.50 13.57
CA ARG A 111 10.95 7.21 12.36
C ARG A 111 12.41 6.97 11.94
N GLY A 112 12.77 7.53 10.80
CA GLY A 112 14.05 7.27 10.17
C GLY A 112 15.25 7.50 11.07
N ASP A 113 15.07 8.26 12.15
CA ASP A 113 16.20 8.77 12.94
C ASP A 113 16.01 8.61 14.46
N ARG A 114 14.78 8.69 14.95
CA ARG A 114 14.50 8.51 16.37
C ARG A 114 14.81 7.09 16.84
N CYS A 115 14.93 6.17 15.88
CA CYS A 115 15.26 4.79 16.18
C CYS A 115 16.40 4.32 15.27
N LYS A 116 17.55 5.00 15.40
CA LYS A 116 18.70 4.79 14.51
C LYS A 116 19.10 3.31 14.33
N THR A 117 18.80 2.47 15.31
CA THR A 117 19.11 1.04 15.23
C THR A 117 18.17 0.25 14.31
N LEU A 118 16.94 0.74 14.14
CA LEU A 118 15.99 0.10 13.22
C LEU A 118 16.04 0.69 11.81
N LEU A 119 16.87 1.71 11.61
CA LEU A 119 17.11 2.31 10.30
C LEU A 119 17.52 1.26 9.28
N GLU A 120 17.07 1.43 8.03
CA GLU A 120 17.27 0.47 6.92
C GLU A 120 16.60 -0.89 7.13
N LYS A 121 15.88 -1.06 8.23
CA LYS A 121 15.24 -2.33 8.56
C LYS A 121 13.72 -2.20 8.59
N PRO A 122 13.01 -3.19 8.05
CA PRO A 122 11.54 -3.18 8.03
C PRO A 122 10.89 -3.00 9.41
N LYS A 123 9.99 -2.04 9.52
CA LYS A 123 9.08 -1.93 10.66
C LYS A 123 7.70 -2.33 10.17
N LEU A 124 7.17 -3.42 10.70
CA LEU A 124 5.89 -3.96 10.25
C LEU A 124 4.76 -3.62 11.21
N PHE A 125 3.67 -3.10 10.66
CA PHE A 125 2.48 -2.82 11.45
C PHE A 125 1.28 -3.60 10.91
N PHE A 126 0.75 -4.50 11.73
CA PHE A 126 -0.39 -5.33 11.35
C PHE A 126 -1.58 -4.84 12.16
N ILE A 127 -2.50 -4.11 11.51
CA ILE A 127 -3.62 -3.50 12.23
C ILE A 127 -4.96 -4.13 11.86
N GLN A 128 -5.70 -4.52 12.89
CA GLN A 128 -7.05 -5.06 12.74
C GLN A 128 -7.98 -4.16 13.57
N ALA A 129 -8.44 -3.09 12.92
CA ALA A 129 -9.36 -2.13 13.52
C ALA A 129 -10.75 -2.34 12.95
N CYS A 130 -11.78 -2.16 13.78
CA CYS A 130 -13.17 -2.35 13.32
C CYS A 130 -14.17 -1.34 13.93
N ILE A 147 -2.16 9.82 6.11
CA ILE A 147 -0.74 9.48 6.24
C ILE A 147 -0.49 8.67 7.55
N PRO A 148 0.73 8.24 7.91
CA PRO A 148 2.02 8.91 7.62
C PRO A 148 2.91 8.22 6.56
N VAL A 149 4.22 8.56 6.57
CA VAL A 149 5.19 8.06 5.58
C VAL A 149 6.53 7.63 6.18
N GLU A 150 7.32 6.89 5.39
CA GLU A 150 8.78 6.78 5.52
C GLU A 150 9.35 5.44 5.05
N ALA A 151 10.59 5.49 4.57
CA ALA A 151 11.26 4.29 4.07
C ALA A 151 11.19 3.13 5.09
N ASP A 152 10.90 1.94 4.57
CA ASP A 152 10.97 0.69 5.32
C ASP A 152 9.89 0.46 6.38
N PHE A 153 8.75 1.15 6.22
CA PHE A 153 7.54 0.83 6.97
C PHE A 153 6.59 0.04 6.08
N LEU A 154 5.80 -0.84 6.68
CA LEU A 154 4.74 -1.54 5.95
C LEU A 154 3.52 -1.70 6.85
N PHE A 155 2.35 -1.39 6.31
CA PHE A 155 1.10 -1.55 7.06
C PHE A 155 0.23 -2.58 6.38
N ALA A 156 -0.28 -3.54 7.15
CA ALA A 156 -1.33 -4.42 6.68
C ALA A 156 -2.58 -4.07 7.48
N TYR A 157 -3.53 -3.42 6.82
CA TYR A 157 -4.67 -2.81 7.50
C TYR A 157 -5.97 -3.48 7.09
N SER A 158 -6.79 -3.86 8.08
CA SER A 158 -8.04 -4.54 7.78
C SER A 158 -9.25 -4.02 8.58
N THR A 159 -10.45 -4.27 8.04
CA THR A 159 -11.72 -3.98 8.70
C THR A 159 -12.69 -5.15 8.48
N VAL A 160 -13.55 -5.41 9.48
CA VAL A 160 -14.45 -6.58 9.45
C VAL A 160 -15.87 -6.16 9.85
N ARG A 171 -14.24 -18.78 15.95
CA ARG A 171 -12.90 -18.42 15.54
C ARG A 171 -12.69 -16.91 15.57
N GLY A 172 -11.51 -16.46 15.14
CA GLY A 172 -11.21 -15.05 15.06
C GLY A 172 -11.52 -14.46 13.69
N SER A 173 -11.30 -13.15 13.54
CA SER A 173 -11.55 -12.45 12.28
C SER A 173 -10.95 -13.16 11.07
N TRP A 174 -11.63 -13.04 9.92
CA TRP A 174 -11.19 -13.66 8.67
C TRP A 174 -9.77 -13.27 8.28
N PHE A 175 -9.45 -12.00 8.48
CA PHE A 175 -8.11 -11.45 8.22
C PHE A 175 -7.05 -12.20 9.03
N VAL A 176 -7.20 -12.18 10.35
CA VAL A 176 -6.26 -12.85 11.26
C VAL A 176 -6.12 -14.32 10.85
N GLN A 177 -7.23 -15.04 10.80
CA GLN A 177 -7.26 -16.45 10.43
C GLN A 177 -6.49 -16.76 9.14
N ALA A 178 -6.62 -15.88 8.15
CA ALA A 178 -5.91 -16.02 6.87
C ALA A 178 -4.42 -15.75 7.03
N LEU A 179 -4.10 -14.65 7.70
CA LEU A 179 -2.72 -14.26 7.93
C LEU A 179 -1.94 -15.35 8.66
N CYS A 180 -2.58 -15.95 9.65
CA CYS A 180 -1.94 -17.00 10.44
C CYS A 180 -1.73 -18.28 9.62
N SER A 181 -2.76 -18.69 8.87
CA SER A 181 -2.69 -19.91 8.07
C SER A 181 -1.62 -19.85 6.97
N ILE A 182 -1.63 -18.76 6.19
CA ILE A 182 -0.67 -18.55 5.11
C ILE A 182 0.75 -18.45 5.67
N LEU A 183 0.92 -17.72 6.77
CA LEU A 183 2.22 -17.52 7.40
C LEU A 183 2.77 -18.81 8.02
N GLU A 184 1.89 -19.60 8.64
CA GLU A 184 2.24 -20.91 9.21
C GLU A 184 2.79 -21.85 8.13
N GLU A 185 2.36 -21.60 6.90
CA GLU A 185 2.59 -22.51 5.79
C GLU A 185 3.69 -22.03 4.85
N HIS A 186 3.75 -20.72 4.60
CA HIS A 186 4.64 -20.16 3.60
C HIS A 186 5.53 -19.03 4.15
N GLY A 187 5.41 -18.77 5.45
CA GLY A 187 6.15 -17.68 6.08
C GLY A 187 7.65 -17.78 5.92
N LYS A 188 8.11 -18.94 5.45
CA LYS A 188 9.52 -19.18 5.29
C LYS A 188 10.00 -19.29 3.83
N ASP A 189 9.08 -19.35 2.87
CA ASP A 189 9.46 -19.43 1.45
C ASP A 189 8.91 -18.31 0.54
N LEU A 190 7.89 -17.60 1.00
CA LEU A 190 7.29 -16.51 0.22
C LEU A 190 7.69 -15.14 0.75
N GLU A 191 7.70 -14.14 -0.14
CA GLU A 191 8.02 -12.76 0.22
C GLU A 191 6.80 -12.10 0.89
N ILE A 192 7.05 -11.15 1.79
CA ILE A 192 5.96 -10.53 2.55
C ILE A 192 4.75 -10.14 1.69
N MET A 193 5.00 -9.53 0.54
CA MET A 193 3.92 -9.07 -0.34
C MET A 193 3.14 -10.21 -0.97
N GLN A 194 3.80 -11.35 -1.19
CA GLN A 194 3.12 -12.55 -1.68
C GLN A 194 2.17 -13.13 -0.62
N ILE A 195 2.64 -13.16 0.62
CA ILE A 195 1.83 -13.57 1.76
C ILE A 195 0.58 -12.69 1.86
N LEU A 196 0.79 -11.39 1.91
CA LEU A 196 -0.31 -10.46 2.15
C LEU A 196 -1.31 -10.44 0.98
N THR A 197 -0.81 -10.57 -0.24
CA THR A 197 -1.69 -10.68 -1.40
C THR A 197 -2.60 -11.90 -1.29
N ARG A 198 -2.06 -13.03 -0.84
CA ARG A 198 -2.84 -14.25 -0.62
C ARG A 198 -3.85 -14.06 0.52
N VAL A 199 -3.45 -13.33 1.57
CA VAL A 199 -4.35 -12.99 2.65
C VAL A 199 -5.53 -12.20 2.10
N ASN A 200 -5.22 -11.16 1.32
CA ASN A 200 -6.21 -10.33 0.63
C ASN A 200 -7.23 -11.15 -0.14
N ASP A 201 -6.73 -12.00 -1.03
CA ASP A 201 -7.57 -12.89 -1.83
C ASP A 201 -8.44 -13.79 -0.96
N ARG A 202 -7.86 -14.37 0.09
CA ARG A 202 -8.56 -15.28 0.98
C ARG A 202 -9.77 -14.64 1.67
N VAL A 203 -9.62 -13.45 2.24
CA VAL A 203 -10.75 -12.83 2.92
C VAL A 203 -11.77 -12.36 1.91
N ALA A 204 -11.30 -11.91 0.74
CA ALA A 204 -12.19 -11.53 -0.36
C ALA A 204 -13.10 -12.69 -0.75
N ARG A 205 -12.56 -13.90 -0.79
CA ARG A 205 -13.30 -15.12 -1.08
C ARG A 205 -14.48 -15.37 -0.11
N HIS A 206 -14.36 -14.89 1.12
CA HIS A 206 -15.38 -15.14 2.13
C HIS A 206 -16.69 -14.40 1.90
N PHE A 207 -16.63 -13.23 1.26
CA PHE A 207 -17.83 -12.43 1.00
C PHE A 207 -18.75 -13.04 -0.08
N GLN A 221 -15.91 -5.82 2.03
CA GLN A 221 -14.65 -5.15 2.40
C GLN A 221 -13.40 -6.01 2.10
N ILE A 222 -12.23 -5.38 2.11
CA ILE A 222 -10.98 -6.04 1.72
C ILE A 222 -9.81 -5.41 2.47
N PRO A 223 -8.89 -6.21 2.99
CA PRO A 223 -7.70 -5.69 3.66
C PRO A 223 -6.86 -4.96 2.63
N CYS A 224 -5.90 -4.02 3.09
CA CYS A 224 -5.05 -3.33 2.14
C CYS A 224 -3.58 -3.63 2.46
N VAL A 225 -2.66 -3.21 1.80
CA VAL A 225 -1.27 -3.13 2.17
C VAL A 225 -0.75 -1.77 1.74
N VAL A 226 -0.23 -1.03 2.67
CA VAL A 226 0.50 0.20 2.37
C VAL A 226 1.98 -0.16 2.49
N SER A 227 2.73 0.01 1.41
CA SER A 227 4.16 -0.37 1.42
C SER A 227 5.11 0.75 1.06
N MET A 228 6.07 0.98 1.96
CA MET A 228 7.17 1.91 1.72
C MET A 228 8.49 1.14 1.78
N LEU A 229 8.39 -0.18 1.65
CA LEU A 229 9.58 -1.05 1.66
C LEU A 229 10.51 -0.72 0.49
N THR A 230 11.81 -0.92 0.70
CA THR A 230 12.79 -0.66 -0.36
C THR A 230 13.47 -1.92 -0.84
N LYS A 231 13.11 -3.05 -0.22
CA LYS A 231 13.69 -4.35 -0.57
C LYS A 231 12.63 -5.43 -0.44
N GLU A 232 12.97 -6.64 -0.86
CA GLU A 232 12.09 -7.78 -0.70
C GLU A 232 12.26 -8.33 0.73
N LEU A 233 11.17 -8.83 1.33
CA LEU A 233 11.21 -9.32 2.71
C LEU A 233 10.89 -10.80 2.85
N TYR A 234 11.87 -11.55 3.34
CA TYR A 234 11.72 -12.99 3.58
C TYR A 234 12.06 -13.25 5.04
N PHE A 235 11.32 -14.13 5.69
CA PHE A 235 11.55 -14.37 7.11
C PHE A 235 12.61 -15.45 7.38
N SER A 236 13.61 -15.56 6.51
CA SER A 236 14.68 -16.56 6.69
C SER A 236 16.01 -16.19 5.99
N GLN A 237 17.03 -17.05 6.18
CA GLN A 237 18.41 -16.88 5.68
C GLN A 237 19.15 -15.71 6.32
N THR B 1 -5.42 -20.09 -9.47
CA THR B 1 -3.96 -19.84 -9.61
C THR B 1 -3.52 -18.68 -8.70
N TYR B 2 -2.22 -18.38 -8.67
CA TYR B 2 -1.68 -17.35 -7.78
C TYR B 2 -1.32 -16.05 -8.50
N GLN B 3 -1.60 -15.99 -9.80
CA GLN B 3 -1.43 -14.78 -10.58
C GLN B 3 -2.63 -14.49 -11.48
N TYR B 4 -2.82 -13.21 -11.81
CA TYR B 4 -3.90 -12.79 -12.68
C TYR B 4 -3.73 -13.41 -14.07
N ASN B 5 -4.82 -13.96 -14.60
CA ASN B 5 -4.87 -14.52 -15.93
C ASN B 5 -4.66 -13.42 -16.97
N MET B 6 -3.67 -13.64 -17.83
CA MET B 6 -3.25 -12.65 -18.81
C MET B 6 -3.51 -13.10 -20.24
N ASN B 7 -4.22 -14.21 -20.39
CA ASN B 7 -4.56 -14.73 -21.71
C ASN B 7 -5.78 -14.03 -22.32
N PHE B 8 -5.58 -12.80 -22.77
CA PHE B 8 -6.64 -12.02 -23.38
C PHE B 8 -6.16 -11.47 -24.72
N GLU B 9 -7.11 -11.08 -25.58
CA GLU B 9 -6.79 -10.48 -26.89
C GLU B 9 -5.78 -9.34 -26.74
N LYS B 10 -5.90 -8.56 -25.67
CA LYS B 10 -5.02 -7.43 -25.40
C LYS B 10 -4.70 -7.28 -23.90
N LEU B 11 -3.55 -6.66 -23.62
CA LEU B 11 -3.15 -6.27 -22.26
C LEU B 11 -4.13 -5.29 -21.63
N GLY B 12 -4.59 -4.31 -22.42
CA GLY B 12 -5.59 -3.35 -21.97
C GLY B 12 -5.20 -1.91 -22.20
N LYS B 13 -6.05 -0.99 -21.73
CA LYS B 13 -5.83 0.44 -21.93
C LYS B 13 -4.91 1.09 -20.89
N CYS B 14 -4.17 2.10 -21.35
CA CYS B 14 -3.35 2.96 -20.50
C CYS B 14 -3.65 4.42 -20.78
N ILE B 15 -4.36 5.06 -19.84
CA ILE B 15 -4.72 6.48 -19.96
C ILE B 15 -3.66 7.30 -19.24
N ILE B 16 -3.03 8.22 -19.98
CA ILE B 16 -2.10 9.17 -19.37
C ILE B 16 -2.72 10.55 -19.39
N ILE B 17 -2.82 11.18 -18.21
CA ILE B 17 -3.26 12.58 -18.14
C ILE B 17 -2.05 13.44 -17.77
N ASN B 18 -1.68 14.30 -18.70
CA ASN B 18 -0.48 15.12 -18.57
C ASN B 18 -0.81 16.59 -18.40
N ASN B 19 -0.87 17.04 -17.15
CA ASN B 19 -1.21 18.42 -16.86
C ASN B 19 0.03 19.28 -16.63
N LYS B 20 0.34 20.15 -17.58
CA LYS B 20 1.52 21.00 -17.51
C LYS B 20 1.18 22.43 -17.12
N ASN B 21 0.21 23.01 -17.82
CA ASN B 21 -0.19 24.39 -17.63
C ASN B 21 -1.49 24.50 -16.88
N PHE B 22 -1.55 25.41 -15.92
CA PHE B 22 -2.71 25.57 -15.06
C PHE B 22 -3.21 27.00 -15.07
N ASP B 23 -4.52 27.18 -14.93
CA ASP B 23 -5.15 28.50 -14.91
C ASP B 23 -4.63 29.35 -13.76
N LYS B 24 -4.26 30.60 -14.07
CA LYS B 24 -3.69 31.55 -13.11
C LYS B 24 -4.39 31.51 -11.76
N VAL B 25 -5.71 31.39 -11.81
CA VAL B 25 -6.58 31.40 -10.64
C VAL B 25 -6.21 30.38 -9.57
N THR B 26 -5.63 29.26 -9.97
CA THR B 26 -5.32 28.16 -9.05
C THR B 26 -4.04 28.39 -8.26
N GLY B 27 -3.25 29.38 -8.68
CA GLY B 27 -2.00 29.71 -8.03
C GLY B 27 -0.92 28.66 -8.23
N MET B 28 -1.15 27.76 -9.19
CA MET B 28 -0.18 26.73 -9.54
C MET B 28 0.62 27.18 -10.73
N GLY B 29 1.92 26.86 -10.71
CA GLY B 29 2.81 27.23 -11.80
C GLY B 29 2.97 26.13 -12.83
N VAL B 30 3.76 26.42 -13.87
CA VAL B 30 4.09 25.45 -14.92
C VAL B 30 4.82 24.27 -14.31
N ARG B 31 4.45 23.06 -14.74
CA ARG B 31 5.09 21.86 -14.25
C ARG B 31 6.17 21.40 -15.23
N ASN B 32 7.32 22.06 -15.18
CA ASN B 32 8.40 21.77 -16.12
C ASN B 32 8.93 20.36 -15.93
N GLY B 33 9.25 19.70 -17.05
CA GLY B 33 9.73 18.34 -17.02
C GLY B 33 8.66 17.27 -17.21
N THR B 34 7.39 17.65 -17.08
CA THR B 34 6.30 16.69 -17.16
C THR B 34 6.14 16.06 -18.56
N ASP B 35 6.43 16.82 -19.61
CA ASP B 35 6.43 16.30 -20.98
C ASP B 35 7.41 15.13 -21.12
N LYS B 36 8.59 15.27 -20.51
CA LYS B 36 9.60 14.22 -20.53
C LYS B 36 9.08 12.95 -19.85
N ASP B 37 8.37 13.14 -18.74
CA ASP B 37 7.72 12.05 -18.02
C ASP B 37 6.67 11.40 -18.90
N ALA B 38 5.74 12.21 -19.39
CA ALA B 38 4.64 11.74 -20.21
C ALA B 38 5.15 10.90 -21.36
N GLU B 39 6.25 11.32 -21.95
CA GLU B 39 6.79 10.66 -23.14
C GLU B 39 7.50 9.35 -22.84
N ALA B 40 8.32 9.35 -21.79
CA ALA B 40 8.96 8.13 -21.30
C ALA B 40 7.93 7.07 -20.94
N LEU B 41 6.85 7.50 -20.28
CA LEU B 41 5.80 6.61 -19.79
C LEU B 41 5.00 5.98 -20.92
N PHE B 42 4.61 6.78 -21.91
CA PHE B 42 3.87 6.28 -23.06
C PHE B 42 4.71 5.30 -23.89
N LYS B 43 5.98 5.63 -24.11
CA LYS B 43 6.90 4.72 -24.79
C LYS B 43 6.99 3.41 -24.02
N CYS B 44 7.22 3.53 -22.72
CA CYS B 44 7.34 2.39 -21.83
C CYS B 44 6.08 1.50 -21.79
N PHE B 45 4.92 2.10 -21.56
CA PHE B 45 3.69 1.33 -21.46
C PHE B 45 3.24 0.78 -22.80
N ARG B 46 3.54 1.51 -23.88
CA ARG B 46 3.26 1.05 -25.23
C ARG B 46 4.00 -0.26 -25.45
N SER B 47 5.25 -0.26 -25.01
CA SER B 47 6.18 -1.36 -25.17
C SER B 47 5.79 -2.60 -24.35
N LEU B 48 5.15 -2.41 -23.20
CA LEU B 48 4.62 -3.52 -22.42
C LEU B 48 3.45 -4.23 -23.12
N GLY B 49 2.75 -3.51 -24.00
CA GLY B 49 1.63 -4.08 -24.72
C GLY B 49 0.31 -3.39 -24.47
N PHE B 50 0.34 -2.26 -23.74
CA PHE B 50 -0.84 -1.42 -23.51
C PHE B 50 -1.20 -0.62 -24.77
N ASP B 51 -2.46 -0.23 -24.89
CA ASP B 51 -2.89 0.74 -25.91
C ASP B 51 -2.94 2.11 -25.25
N VAL B 52 -1.97 2.96 -25.57
CA VAL B 52 -1.77 4.22 -24.85
C VAL B 52 -2.52 5.40 -25.49
N ILE B 53 -3.22 6.17 -24.65
CA ILE B 53 -3.82 7.45 -25.02
C ILE B 53 -3.22 8.53 -24.12
N VAL B 54 -2.76 9.63 -24.71
CA VAL B 54 -2.18 10.72 -23.93
C VAL B 54 -2.98 12.03 -24.02
N TYR B 55 -3.51 12.46 -22.87
CA TYR B 55 -4.31 13.69 -22.77
C TYR B 55 -3.49 14.78 -22.12
N ASN B 56 -3.67 16.02 -22.54
CA ASN B 56 -2.85 17.11 -22.01
C ASN B 56 -3.61 18.36 -21.59
N ASP B 57 -3.20 18.91 -20.45
CA ASP B 57 -3.80 20.12 -19.86
C ASP B 57 -5.30 20.01 -19.69
N CYS B 58 -5.76 18.93 -19.05
CA CYS B 58 -7.19 18.69 -18.92
C CYS B 58 -7.83 19.50 -17.81
N SER B 59 -9.08 19.89 -18.03
CA SER B 59 -9.93 20.46 -17.00
C SER B 59 -10.33 19.38 -16.00
N CYS B 60 -10.97 19.80 -14.91
CA CYS B 60 -11.50 18.86 -13.93
C CYS B 60 -12.63 18.04 -14.54
N ALA B 61 -13.50 18.72 -15.29
CA ALA B 61 -14.60 18.08 -16.00
C ALA B 61 -14.17 17.06 -17.07
N LYS B 62 -13.08 17.35 -17.80
CA LYS B 62 -12.51 16.39 -18.74
C LYS B 62 -11.99 15.14 -18.06
N MET B 63 -11.18 15.31 -17.02
CA MET B 63 -10.61 14.15 -16.33
C MET B 63 -11.71 13.21 -15.84
N GLN B 64 -12.80 13.80 -15.33
CA GLN B 64 -13.97 13.06 -14.87
C GLN B 64 -14.72 12.34 -16.00
N ASP B 65 -15.08 13.09 -17.04
CA ASP B 65 -15.78 12.54 -18.21
C ASP B 65 -14.93 11.48 -18.93
N LEU B 66 -13.67 11.83 -19.18
CA LEU B 66 -12.64 10.93 -19.68
C LEU B 66 -12.71 9.55 -19.07
N LEU B 67 -12.47 9.50 -17.76
CA LEU B 67 -12.39 8.26 -17.02
C LEU B 67 -13.73 7.52 -16.97
N LYS B 68 -14.83 8.24 -16.81
CA LYS B 68 -16.16 7.63 -16.80
C LYS B 68 -16.46 6.90 -18.10
N LYS B 69 -16.08 7.51 -19.21
CA LYS B 69 -16.28 6.93 -20.53
C LYS B 69 -15.36 5.74 -20.77
N ALA B 70 -14.19 5.76 -20.13
CA ALA B 70 -13.28 4.62 -20.18
C ALA B 70 -13.86 3.45 -19.41
N SER B 71 -14.50 3.76 -18.28
CA SER B 71 -15.07 2.76 -17.39
C SER B 71 -16.34 2.15 -17.96
N GLU B 72 -16.89 2.78 -18.99
CA GLU B 72 -18.11 2.31 -19.65
C GLU B 72 -17.82 1.55 -20.93
N GLU B 73 -16.54 1.45 -21.29
CA GLU B 73 -16.09 0.66 -22.44
C GLU B 73 -16.21 -0.85 -22.19
N ASP B 74 -16.07 -1.64 -23.24
CA ASP B 74 -16.07 -3.09 -23.09
C ASP B 74 -14.65 -3.62 -22.93
N HIS B 75 -14.32 -4.03 -21.71
CA HIS B 75 -12.97 -4.47 -21.37
C HIS B 75 -12.81 -6.00 -21.35
N THR B 76 -13.79 -6.69 -21.92
CA THR B 76 -13.87 -8.16 -21.89
C THR B 76 -12.63 -8.85 -22.47
N ASN B 77 -12.08 -8.28 -23.54
CA ASN B 77 -10.92 -8.84 -24.21
C ASN B 77 -9.60 -8.28 -23.69
N ALA B 78 -9.64 -7.62 -22.53
CA ALA B 78 -8.44 -7.02 -21.94
C ALA B 78 -8.04 -7.71 -20.65
N ALA B 79 -6.73 -7.75 -20.39
CA ALA B 79 -6.19 -8.36 -19.18
C ALA B 79 -6.30 -7.44 -17.95
N CYS B 80 -6.09 -6.13 -18.17
CA CYS B 80 -6.08 -5.15 -17.08
C CYS B 80 -6.37 -3.73 -17.58
N PHE B 81 -6.27 -2.76 -16.67
CA PHE B 81 -6.45 -1.35 -16.99
C PHE B 81 -5.48 -0.47 -16.21
N ALA B 82 -4.83 0.47 -16.89
CA ALA B 82 -3.90 1.37 -16.21
C ALA B 82 -4.23 2.85 -16.47
N CYS B 83 -4.04 3.67 -15.45
CA CYS B 83 -4.22 5.12 -15.59
C CYS B 83 -3.08 5.86 -14.89
N ILE B 84 -2.47 6.80 -15.59
CA ILE B 84 -1.36 7.56 -15.03
C ILE B 84 -1.71 9.04 -14.92
N LEU B 85 -1.58 9.59 -13.71
CA LEU B 85 -1.91 10.99 -13.47
C LEU B 85 -0.68 11.81 -13.12
N LEU B 86 -0.34 12.75 -13.99
CA LEU B 86 0.79 13.64 -13.76
C LEU B 86 0.27 15.07 -13.64
N SER B 87 0.28 15.60 -12.43
CA SER B 87 -0.32 16.89 -12.17
C SER B 87 0.15 17.46 -10.84
N HIS B 88 -0.53 18.52 -10.40
CA HIS B 88 -0.37 19.05 -9.06
C HIS B 88 -1.31 18.30 -8.13
N GLY B 89 -0.98 18.29 -6.84
CA GLY B 89 -1.79 17.59 -5.86
C GLY B 89 -1.65 18.10 -4.45
N GLU B 90 -2.68 17.87 -3.65
CA GLU B 90 -2.69 18.11 -2.20
C GLU B 90 -3.43 16.92 -1.63
N GLU B 91 -3.38 16.73 -0.31
CA GLU B 91 -4.00 15.56 0.32
C GLU B 91 -5.29 15.09 -0.38
N ASN B 92 -5.29 13.83 -0.81
CA ASN B 92 -6.46 13.16 -1.43
C ASN B 92 -7.14 13.80 -2.65
N VAL B 93 -6.48 14.81 -3.21
CA VAL B 93 -7.03 15.63 -4.30
C VAL B 93 -6.00 15.78 -5.42
N ILE B 94 -6.46 15.78 -6.67
CA ILE B 94 -5.57 16.06 -7.80
C ILE B 94 -6.06 17.29 -8.59
N TYR B 95 -5.12 18.08 -9.09
CA TYR B 95 -5.45 19.29 -9.83
C TYR B 95 -5.75 19.01 -11.30
N GLY B 96 -6.90 19.48 -11.74
CA GLY B 96 -7.12 19.71 -13.15
C GLY B 96 -6.51 21.05 -13.48
N LYS B 97 -6.77 21.56 -14.68
CA LYS B 97 -6.20 22.83 -15.10
C LYS B 97 -6.97 23.99 -14.48
N ASP B 98 -8.25 23.76 -14.23
CA ASP B 98 -9.16 24.79 -13.74
C ASP B 98 -9.53 24.63 -12.26
N GLY B 99 -9.00 23.62 -11.59
CA GLY B 99 -9.36 23.39 -10.21
C GLY B 99 -8.85 22.09 -9.63
N VAL B 100 -9.70 21.45 -8.82
CA VAL B 100 -9.30 20.38 -7.92
C VAL B 100 -10.41 19.31 -7.82
N THR B 101 -10.08 18.06 -8.14
CA THR B 101 -11.00 16.94 -7.91
C THR B 101 -10.38 15.86 -7.03
N PRO B 102 -11.19 15.25 -6.17
CA PRO B 102 -10.70 14.19 -5.28
C PRO B 102 -10.32 12.92 -6.05
N ILE B 103 -9.09 12.47 -5.82
CA ILE B 103 -8.53 11.29 -6.48
C ILE B 103 -9.49 10.12 -6.45
N LYS B 104 -10.35 10.12 -5.43
CA LYS B 104 -11.27 9.01 -5.18
C LYS B 104 -12.39 8.96 -6.21
N ASP B 105 -12.91 10.13 -6.58
CA ASP B 105 -13.96 10.22 -7.59
C ASP B 105 -13.44 9.77 -8.95
N LEU B 106 -12.16 10.03 -9.22
CA LEU B 106 -11.54 9.66 -10.48
C LEU B 106 -11.45 8.15 -10.61
N THR B 107 -11.08 7.48 -9.53
CA THR B 107 -10.90 6.02 -9.55
C THR B 107 -12.19 5.25 -9.33
N ALA B 108 -13.17 5.87 -8.70
CA ALA B 108 -14.43 5.21 -8.34
C ALA B 108 -15.19 4.58 -9.51
N HIS B 109 -15.08 5.19 -10.69
CA HIS B 109 -15.75 4.69 -11.90
C HIS B 109 -15.39 3.25 -12.27
N PHE B 110 -14.21 2.79 -11.85
CA PHE B 110 -13.72 1.47 -12.22
C PHE B 110 -13.95 0.47 -11.09
N ARG B 111 -15.14 0.51 -10.51
CA ARG B 111 -15.46 -0.27 -9.32
C ARG B 111 -16.27 -1.49 -9.72
N GLY B 112 -15.96 -2.64 -9.12
CA GLY B 112 -16.69 -3.88 -9.37
C GLY B 112 -18.15 -3.68 -9.76
N ASP B 113 -18.89 -2.94 -8.94
CA ASP B 113 -20.30 -2.67 -9.20
C ASP B 113 -20.61 -1.75 -10.39
N ARG B 114 -19.74 -0.79 -10.70
CA ARG B 114 -19.94 0.07 -11.89
C ARG B 114 -19.08 -0.19 -13.14
N CYS B 115 -18.23 -1.21 -13.11
CA CYS B 115 -17.39 -1.53 -14.27
C CYS B 115 -17.23 -3.04 -14.41
N LYS B 116 -18.36 -3.72 -14.59
CA LYS B 116 -18.43 -5.19 -14.59
C LYS B 116 -17.42 -5.88 -15.50
N THR B 117 -17.02 -5.20 -16.58
CA THR B 117 -16.08 -5.75 -17.55
C THR B 117 -14.65 -5.86 -17.05
N LEU B 118 -14.34 -5.21 -15.93
CA LEU B 118 -13.00 -5.26 -15.33
C LEU B 118 -12.99 -5.97 -13.97
N LEU B 119 -14.01 -6.80 -13.70
CA LEU B 119 -14.08 -7.56 -12.46
C LEU B 119 -13.01 -8.64 -12.41
N GLU B 120 -12.35 -8.75 -11.25
CA GLU B 120 -11.24 -9.69 -11.02
C GLU B 120 -10.04 -9.42 -11.92
N LYS B 121 -9.94 -8.19 -12.43
CA LYS B 121 -8.83 -7.71 -13.25
C LYS B 121 -8.14 -6.52 -12.58
N PRO B 122 -6.79 -6.51 -12.56
CA PRO B 122 -6.05 -5.44 -11.90
C PRO B 122 -6.32 -4.05 -12.48
N LYS B 123 -6.56 -3.08 -11.60
CA LYS B 123 -6.76 -1.71 -12.03
C LYS B 123 -5.68 -0.84 -11.42
N LEU B 124 -4.82 -0.33 -12.30
CA LEU B 124 -3.55 0.26 -11.90
C LEU B 124 -3.56 1.78 -11.95
N PHE B 125 -3.15 2.42 -10.87
CA PHE B 125 -3.08 3.87 -10.81
C PHE B 125 -1.72 4.38 -10.37
N PHE B 126 -1.01 5.02 -11.30
CA PHE B 126 0.27 5.65 -11.02
C PHE B 126 0.08 7.16 -10.95
N ILE B 127 0.10 7.71 -9.74
CA ILE B 127 -0.09 9.14 -9.55
C ILE B 127 1.22 9.81 -9.22
N GLN B 128 1.54 10.86 -9.97
CA GLN B 128 2.71 11.69 -9.76
C GLN B 128 2.18 13.10 -9.50
N ALA B 129 1.78 13.34 -8.26
CA ALA B 129 1.18 14.61 -7.84
C ALA B 129 2.16 15.38 -6.98
N CYS B 130 2.77 16.40 -7.58
CA CYS B 130 3.91 17.12 -7.03
C CYS B 130 3.74 17.81 -5.68
N ARG B 131 2.83 18.79 -5.60
CA ARG B 131 2.92 19.81 -4.55
C ARG B 131 2.42 19.42 -3.14
N GLY B 132 2.30 18.13 -2.86
CA GLY B 132 1.87 17.66 -1.55
C GLY B 132 1.67 16.17 -1.46
N ILE B 147 -9.00 7.27 -0.29
CA ILE B 147 -9.61 5.98 0.07
C ILE B 147 -10.60 5.50 -1.01
N PRO B 148 -10.12 4.83 -2.06
CA PRO B 148 -10.96 3.97 -2.91
C PRO B 148 -10.77 2.46 -2.65
N VAL B 149 -11.32 1.97 -1.52
CA VAL B 149 -11.05 0.62 -0.99
C VAL B 149 -11.82 -0.53 -1.67
N GLU B 150 -11.29 -1.05 -2.77
CA GLU B 150 -11.91 -2.18 -3.43
C GLU B 150 -10.91 -3.13 -4.08
N ALA B 151 -11.32 -4.38 -4.24
CA ALA B 151 -10.43 -5.46 -4.68
C ALA B 151 -9.85 -5.22 -6.07
N ASP B 152 -8.61 -5.68 -6.26
CA ASP B 152 -7.89 -5.54 -7.54
C ASP B 152 -7.59 -4.10 -7.96
N PHE B 153 -7.46 -3.21 -6.98
CA PHE B 153 -6.94 -1.86 -7.21
C PHE B 153 -5.50 -1.83 -6.72
N LEU B 154 -4.67 -1.00 -7.37
CA LEU B 154 -3.33 -0.72 -6.88
C LEU B 154 -2.95 0.71 -7.20
N PHE B 155 -2.40 1.39 -6.20
CA PHE B 155 -1.99 2.78 -6.32
C PHE B 155 -0.50 2.92 -6.09
N ALA B 156 0.18 3.54 -7.03
CA ALA B 156 1.57 3.94 -6.84
C ALA B 156 1.62 5.46 -6.79
N TYR B 157 1.65 5.99 -5.57
CA TYR B 157 1.60 7.43 -5.33
C TYR B 157 3.02 7.91 -5.07
N SER B 158 3.39 9.03 -5.67
CA SER B 158 4.70 9.65 -5.43
C SER B 158 4.53 11.14 -5.24
N THR B 159 5.25 11.68 -4.26
CA THR B 159 5.14 13.10 -3.89
C THR B 159 6.44 13.87 -4.17
N VAL B 160 7.53 13.14 -4.38
CA VAL B 160 8.86 13.68 -4.70
C VAL B 160 8.87 14.50 -6.00
N PRO B 161 9.31 15.75 -5.92
CA PRO B 161 9.52 16.58 -7.11
C PRO B 161 10.92 16.40 -7.72
N GLY B 172 13.31 14.62 -16.20
CA GLY B 172 11.98 14.43 -15.64
C GLY B 172 11.98 14.06 -14.17
N SER B 173 10.82 13.64 -13.66
CA SER B 173 10.65 13.24 -12.27
C SER B 173 11.46 11.97 -11.95
N TRP B 174 11.98 11.89 -10.72
CA TRP B 174 12.80 10.75 -10.29
C TRP B 174 11.98 9.47 -10.28
N PHE B 175 10.83 9.53 -9.61
CA PHE B 175 9.86 8.44 -9.60
C PHE B 175 9.53 7.94 -11.00
N VAL B 176 9.19 8.85 -11.91
CA VAL B 176 8.78 8.49 -13.26
C VAL B 176 9.93 7.86 -14.01
N GLN B 177 11.12 8.44 -13.89
CA GLN B 177 12.30 7.90 -14.55
C GLN B 177 12.62 6.50 -14.08
N ALA B 178 12.54 6.30 -12.76
CA ALA B 178 12.83 5.00 -12.16
C ALA B 178 11.82 3.95 -12.60
N LEU B 179 10.53 4.30 -12.53
CA LEU B 179 9.45 3.40 -12.97
C LEU B 179 9.76 2.90 -14.37
N CYS B 180 9.91 3.84 -15.31
CA CYS B 180 10.19 3.54 -16.72
C CYS B 180 11.41 2.66 -16.95
N SER B 181 12.52 2.96 -16.28
CA SER B 181 13.77 2.21 -16.46
C SER B 181 13.69 0.76 -15.99
N ILE B 182 13.17 0.54 -14.77
CA ILE B 182 12.96 -0.80 -14.22
C ILE B 182 11.94 -1.56 -15.07
N LEU B 183 10.93 -0.85 -15.54
CA LEU B 183 9.84 -1.47 -16.30
C LEU B 183 10.32 -1.93 -17.67
N GLU B 184 11.16 -1.13 -18.33
CA GLU B 184 11.61 -1.48 -19.67
C GLU B 184 12.68 -2.58 -19.68
N GLU B 185 13.31 -2.81 -18.54
CA GLU B 185 14.32 -3.86 -18.38
C GLU B 185 13.76 -5.13 -17.74
N HIS B 186 12.81 -4.97 -16.82
CA HIS B 186 12.27 -6.11 -16.09
C HIS B 186 10.75 -6.26 -16.18
N GLY B 187 10.11 -5.38 -16.94
CA GLY B 187 8.66 -5.36 -17.07
C GLY B 187 8.02 -6.70 -17.39
N LYS B 188 8.78 -7.58 -18.02
CA LYS B 188 8.24 -8.86 -18.45
C LYS B 188 8.63 -10.04 -17.56
N ASP B 189 9.50 -9.80 -16.58
CA ASP B 189 10.00 -10.88 -15.72
C ASP B 189 9.77 -10.69 -14.22
N LEU B 190 9.41 -9.48 -13.80
CA LEU B 190 9.13 -9.22 -12.40
C LEU B 190 7.66 -8.96 -12.12
N GLU B 191 7.25 -9.23 -10.88
CA GLU B 191 5.90 -8.94 -10.42
C GLU B 191 5.81 -7.45 -10.03
N ILE B 192 4.64 -6.82 -10.17
CA ILE B 192 4.56 -5.36 -9.94
C ILE B 192 5.13 -4.90 -8.61
N MET B 193 4.84 -5.66 -7.55
CA MET B 193 5.35 -5.33 -6.22
C MET B 193 6.87 -5.33 -6.21
N GLN B 194 7.47 -6.25 -6.97
CA GLN B 194 8.93 -6.26 -7.15
C GLN B 194 9.37 -5.01 -7.91
N ILE B 195 8.75 -4.74 -9.06
CA ILE B 195 9.04 -3.51 -9.82
C ILE B 195 8.96 -2.26 -8.93
N LEU B 196 7.84 -2.10 -8.23
CA LEU B 196 7.60 -0.89 -7.46
C LEU B 196 8.44 -0.82 -6.18
N THR B 197 8.82 -1.98 -5.65
CA THR B 197 9.78 -2.02 -4.54
C THR B 197 11.14 -1.46 -4.96
N ARG B 198 11.63 -1.92 -6.11
CA ARG B 198 12.86 -1.43 -6.73
C ARG B 198 12.79 0.07 -7.05
N VAL B 199 11.63 0.52 -7.51
CA VAL B 199 11.39 1.94 -7.75
C VAL B 199 11.56 2.72 -6.43
N ASN B 200 10.81 2.34 -5.40
CA ASN B 200 10.97 2.94 -4.06
C ASN B 200 12.44 3.09 -3.64
N ASP B 201 13.22 2.03 -3.88
CA ASP B 201 14.63 2.04 -3.54
C ASP B 201 15.43 3.16 -4.21
N ARG B 202 15.31 3.33 -5.52
CA ARG B 202 16.16 4.35 -6.15
C ARG B 202 15.70 5.80 -6.08
N VAL B 203 14.40 6.06 -5.97
CA VAL B 203 14.03 7.44 -5.61
C VAL B 203 14.54 7.69 -4.18
N ALA B 204 14.64 6.62 -3.39
CA ALA B 204 15.20 6.69 -2.03
C ALA B 204 16.72 6.88 -2.01
N ARG B 205 17.43 6.24 -2.94
CA ARG B 205 18.88 6.37 -3.02
C ARG B 205 19.35 7.72 -3.55
N HIS B 206 18.52 8.36 -4.37
CA HIS B 206 18.82 9.70 -4.90
C HIS B 206 19.13 10.69 -3.80
N PHE B 207 18.52 10.50 -2.63
CA PHE B 207 18.87 11.28 -1.44
C PHE B 207 20.20 10.78 -0.87
N GLN B 221 11.77 12.38 0.84
CA GLN B 221 10.49 11.72 0.62
C GLN B 221 10.63 10.43 -0.20
N ILE B 222 9.60 9.58 -0.15
CA ILE B 222 9.61 8.28 -0.81
C ILE B 222 8.22 7.98 -1.40
N PRO B 223 8.06 7.23 -2.50
CA PRO B 223 6.76 6.81 -3.03
C PRO B 223 6.13 5.78 -2.12
N CYS B 224 5.02 5.19 -2.44
CA CYS B 224 4.37 4.22 -1.57
C CYS B 224 3.68 3.25 -2.49
N VAL B 225 3.06 2.38 -1.86
CA VAL B 225 2.22 1.53 -2.70
C VAL B 225 1.07 1.06 -1.84
N VAL B 226 -0.15 1.25 -2.38
CA VAL B 226 -1.32 0.76 -1.70
C VAL B 226 -1.85 -0.37 -2.56
N SER B 227 -1.84 -1.59 -2.03
CA SER B 227 -2.28 -2.73 -2.82
C SER B 227 -3.56 -3.34 -2.27
N MET B 228 -4.51 -3.55 -3.16
CA MET B 228 -5.74 -4.27 -2.87
C MET B 228 -5.81 -5.47 -3.80
N LEU B 229 -4.68 -5.76 -4.44
CA LEU B 229 -4.58 -6.85 -5.41
C LEU B 229 -4.83 -8.19 -4.73
N THR B 230 -5.41 -9.14 -5.47
CA THR B 230 -5.74 -10.46 -4.94
C THR B 230 -4.95 -11.57 -5.61
N LYS B 231 -4.07 -11.20 -6.54
CA LYS B 231 -3.14 -12.14 -7.16
C LYS B 231 -1.85 -11.43 -7.52
N GLU B 232 -0.91 -12.19 -8.08
CA GLU B 232 0.36 -11.63 -8.53
C GLU B 232 0.19 -11.12 -9.95
N LEU B 233 0.89 -10.05 -10.30
CA LEU B 233 0.74 -9.46 -11.62
C LEU B 233 2.03 -9.49 -12.40
N TYR B 234 2.01 -10.25 -13.48
CA TYR B 234 3.06 -10.21 -14.47
C TYR B 234 2.49 -9.66 -15.77
N PHE B 235 3.26 -8.78 -16.42
CA PHE B 235 2.81 -8.17 -17.67
C PHE B 235 3.05 -9.07 -18.88
N SER B 236 3.57 -10.27 -18.63
CA SER B 236 3.87 -11.22 -19.69
C SER B 236 2.86 -12.36 -19.79
N GLN B 237 3.24 -13.41 -20.51
CA GLN B 237 2.32 -14.48 -20.92
C GLN B 237 2.85 -15.83 -20.49
#